data_3ENC
#
_entry.id   3ENC
#
_cell.length_a   78.810
_cell.length_b   78.810
_cell.length_c   60.020
_cell.angle_alpha   90.00
_cell.angle_beta   90.00
_cell.angle_gamma   120.00
#
_symmetry.space_group_name_H-M   'P 63'
#
_entity_poly.entity_id   1
_entity_poly.type   'polypeptide(L)'
_entity_poly.pdbx_seq_one_letter_code
;GA(MSE)DP(MSE)KAKRVQAKIE(MSE)EFPSEDVAKVVYEAVLYEHLSVPYRRSEIDFKLEGKKIILDIKATDSSALR
GTVNSYLRWIKAAIDVIEV
;
_entity_poly.pdbx_strand_id   A,B
#
# COMPACT_ATOMS: atom_id res chain seq x y z
N LYS A 7 15.44 3.86 10.36
CA LYS A 7 16.57 3.33 9.62
C LYS A 7 16.06 2.47 8.47
N ALA A 8 15.06 3.01 7.75
CA ALA A 8 14.48 2.38 6.57
C ALA A 8 14.92 3.12 5.31
N LYS A 9 15.20 2.37 4.25
CA LYS A 9 15.89 2.92 3.06
C LYS A 9 14.99 3.28 1.86
N ARG A 10 15.12 2.56 0.74
CA ARG A 10 14.26 2.85 -0.43
C ARG A 10 12.99 1.98 -0.44
N VAL A 11 11.83 2.62 -0.60
CA VAL A 11 10.56 1.92 -0.43
C VAL A 11 9.55 2.17 -1.57
N GLN A 12 8.99 1.09 -2.11
CA GLN A 12 8.07 1.19 -3.26
C GLN A 12 6.75 0.40 -3.14
N ALA A 13 5.62 1.02 -3.52
CA ALA A 13 4.29 0.40 -3.41
C ALA A 13 3.49 0.44 -4.72
N LYS A 14 2.62 -0.56 -4.93
CA LYS A 14 1.89 -0.69 -6.19
C LYS A 14 0.50 -1.24 -5.93
N ILE A 15 -0.53 -0.49 -6.32
CA ILE A 15 -1.90 -0.96 -6.14
C ILE A 15 -2.69 -1.00 -7.42
N GLU A 16 -3.39 -2.12 -7.61
CA GLU A 16 -4.30 -2.26 -8.74
C GLU A 16 -5.69 -2.43 -8.18
N GLU A 18 -10.05 -3.25 -9.12
CA GLU A 18 -11.02 -3.76 -10.08
C GLU A 18 -12.36 -3.09 -9.88
N PHE A 19 -13.04 -2.87 -11.00
CA PHE A 19 -14.26 -2.11 -11.01
C PHE A 19 -15.26 -2.73 -11.97
N PRO A 20 -16.55 -2.33 -11.86
CA PRO A 20 -17.63 -2.77 -12.76
C PRO A 20 -17.42 -2.29 -14.21
N SER A 21 -17.77 -1.04 -14.54
CA SER A 21 -17.67 -0.54 -15.92
C SER A 21 -16.35 0.22 -16.18
N GLU A 22 -15.85 0.14 -17.42
CA GLU A 22 -14.68 0.93 -17.81
C GLU A 22 -14.99 2.40 -17.69
N ASP A 23 -16.24 2.74 -18.03
CA ASP A 23 -16.75 4.09 -17.85
C ASP A 23 -17.15 4.25 -16.38
N VAL A 24 -16.62 3.34 -15.54
CA VAL A 24 -16.69 3.42 -14.07
C VAL A 24 -15.27 3.33 -13.48
N ALA A 25 -14.34 2.82 -14.28
CA ALA A 25 -12.93 2.94 -13.97
C ALA A 25 -12.40 4.24 -14.55
N LYS A 26 -12.76 4.53 -15.81
CA LYS A 26 -12.54 5.85 -16.38
C LYS A 26 -12.93 6.87 -15.33
N VAL A 27 -14.15 6.74 -14.83
CA VAL A 27 -14.69 7.68 -13.85
C VAL A 27 -13.90 7.76 -12.54
N VAL A 28 -13.64 6.62 -11.92
CA VAL A 28 -12.91 6.63 -10.65
C VAL A 28 -11.48 7.14 -10.84
N TYR A 29 -10.77 6.62 -11.84
CA TYR A 29 -9.43 7.10 -12.17
C TYR A 29 -9.38 8.60 -12.50
N GLU A 30 -10.22 9.02 -13.45
CA GLU A 30 -10.17 10.39 -13.96
C GLU A 30 -10.51 11.51 -12.94
N ALA A 31 -11.11 11.18 -11.81
CA ALA A 31 -11.35 12.25 -10.82
C ALA A 31 -10.29 12.29 -9.72
N VAL A 32 -9.83 11.12 -9.28
CA VAL A 32 -8.75 11.02 -8.31
C VAL A 32 -7.49 11.73 -8.87
N LEU A 33 -7.49 11.89 -10.20
CA LEU A 33 -6.39 12.54 -10.90
C LEU A 33 -6.45 14.05 -10.68
N TYR A 34 -7.64 14.63 -10.71
CA TYR A 34 -7.77 16.09 -10.58
C TYR A 34 -7.40 16.57 -9.17
N GLU A 35 -7.54 15.71 -8.16
CA GLU A 35 -7.06 16.05 -6.81
C GLU A 35 -5.60 15.62 -6.60
N HIS A 36 -4.99 15.07 -7.64
CA HIS A 36 -3.58 14.72 -7.62
C HIS A 36 -2.76 15.76 -8.39
N LEU A 37 -3.38 16.33 -9.41
CA LEU A 37 -2.80 17.46 -10.11
C LEU A 37 -3.00 18.71 -9.26
N SER A 38 -4.02 18.69 -8.40
CA SER A 38 -4.35 19.83 -7.54
C SER A 38 -3.63 19.78 -6.20
N VAL A 39 -2.54 19.01 -6.12
CA VAL A 39 -1.70 18.94 -4.92
C VAL A 39 -0.19 18.93 -5.21
N PRO A 40 0.38 20.07 -5.67
CA PRO A 40 1.85 20.11 -5.71
C PRO A 40 2.46 20.00 -4.32
N TYR A 41 3.68 19.46 -4.23
CA TYR A 41 4.38 19.20 -2.95
C TYR A 41 4.03 17.82 -2.39
N ARG A 42 3.99 16.80 -3.26
CA ARG A 42 3.56 15.44 -2.89
C ARG A 42 4.63 14.59 -2.18
N ARG A 43 4.20 13.59 -1.39
CA ARG A 43 5.12 12.81 -0.57
C ARG A 43 4.96 11.28 -0.67
N SER A 44 5.77 10.66 -1.50
CA SER A 44 6.83 11.40 -2.19
C SER A 44 6.99 11.18 -3.70
N GLU A 45 6.53 10.04 -4.23
CA GLU A 45 6.65 9.72 -5.67
C GLU A 45 5.46 8.95 -6.22
N ILE A 46 4.94 9.34 -7.39
CA ILE A 46 3.73 8.71 -7.94
C ILE A 46 3.65 8.62 -9.49
N ASP A 47 3.12 7.50 -10.00
CA ASP A 47 2.76 7.36 -11.42
C ASP A 47 1.42 6.62 -11.57
N PHE A 48 0.36 7.26 -11.07
CA PHE A 48 -1.00 6.73 -11.16
C PHE A 48 -1.39 6.55 -12.62
N LYS A 49 -2.19 5.53 -12.91
CA LYS A 49 -2.69 5.33 -14.27
C LYS A 49 -3.83 4.33 -14.36
N LEU A 50 -4.84 4.67 -15.17
CA LEU A 50 -5.92 3.76 -15.58
C LEU A 50 -5.68 3.37 -17.02
N GLU A 51 -6.00 2.12 -17.34
CA GLU A 51 -6.00 1.72 -18.74
C GLU A 51 -7.31 1.03 -19.13
N GLY A 52 -7.77 0.10 -18.31
CA GLY A 52 -9.03 -0.58 -18.58
C GLY A 52 -10.10 -0.28 -17.55
N LYS A 53 -10.36 -1.25 -16.71
CA LYS A 53 -11.25 -1.07 -15.56
C LYS A 53 -10.42 -1.25 -14.30
N LYS A 54 -9.10 -1.32 -14.50
CA LYS A 54 -8.13 -1.29 -13.40
C LYS A 54 -7.62 0.15 -13.19
N ILE A 55 -7.37 0.47 -11.93
CA ILE A 55 -6.72 1.72 -11.59
C ILE A 55 -5.39 1.38 -10.96
N ILE A 56 -4.32 1.90 -11.54
CA ILE A 56 -2.97 1.53 -11.15
C ILE A 56 -2.30 2.61 -10.35
N LEU A 57 -1.80 2.23 -9.19
CA LEU A 57 -1.12 3.17 -8.33
C LEU A 57 0.26 2.63 -7.98
N ASP A 58 1.29 3.31 -8.45
CA ASP A 58 2.67 2.97 -8.09
C ASP A 58 3.26 4.15 -7.31
N ILE A 59 3.78 3.89 -6.11
CA ILE A 59 4.29 4.97 -5.25
C ILE A 59 5.73 4.74 -4.76
N LYS A 60 6.31 5.76 -4.11
CA LYS A 60 7.68 5.73 -3.58
C LYS A 60 7.77 6.62 -2.33
N ALA A 61 8.61 6.24 -1.37
CA ALA A 61 8.75 7.02 -0.16
C ALA A 61 10.19 7.08 0.32
N THR A 62 10.62 8.26 0.77
CA THR A 62 11.95 8.36 1.36
C THR A 62 12.03 7.25 2.42
N ASP A 63 10.91 6.97 3.07
CA ASP A 63 10.93 5.95 4.11
C ASP A 63 9.58 5.32 4.43
N SER A 64 9.59 4.58 5.53
CA SER A 64 8.51 3.65 5.90
C SER A 64 7.19 4.35 6.06
N SER A 65 7.25 5.62 6.44
CA SER A 65 6.04 6.37 6.70
C SER A 65 5.86 7.47 5.69
N ALA A 66 6.92 7.83 4.99
CA ALA A 66 6.78 8.78 3.89
C ALA A 66 5.77 8.19 2.93
N LEU A 67 5.40 6.94 3.21
CA LEU A 67 4.57 6.13 2.35
C LEU A 67 3.19 5.88 2.94
N ARG A 68 3.16 5.26 4.11
CA ARG A 68 1.91 4.83 4.75
C ARG A 68 0.80 5.87 4.75
N GLY A 69 1.15 7.10 5.12
CA GLY A 69 0.17 8.16 5.21
C GLY A 69 -0.32 8.59 3.85
N THR A 70 0.46 8.25 2.82
CA THR A 70 0.13 8.60 1.45
C THR A 70 -0.78 7.53 0.84
N VAL A 71 -0.42 6.26 1.02
CA VAL A 71 -1.32 5.17 0.66
C VAL A 71 -2.68 5.44 1.31
N ASN A 72 -2.66 5.85 2.56
CA ASN A 72 -3.90 6.26 3.20
C ASN A 72 -4.52 7.35 2.38
N SER A 73 -3.74 8.40 2.18
CA SER A 73 -4.20 9.58 1.47
C SER A 73 -5.01 9.16 0.23
N TYR A 74 -4.41 8.35 -0.64
CA TYR A 74 -5.06 8.02 -1.92
C TYR A 74 -6.14 6.88 -1.91
N LEU A 75 -6.02 5.89 -1.02
CA LEU A 75 -7.02 4.82 -0.93
C LEU A 75 -8.35 5.30 -0.35
N ARG A 76 -8.29 6.39 0.40
CA ARG A 76 -9.51 7.07 0.82
C ARG A 76 -10.02 7.89 -0.36
N TRP A 77 -9.18 8.80 -0.86
CA TRP A 77 -9.48 9.57 -2.05
C TRP A 77 -10.09 8.68 -3.14
N ILE A 78 -9.64 7.43 -3.22
CA ILE A 78 -10.22 6.54 -4.22
C ILE A 78 -11.60 6.04 -3.82
N LYS A 79 -11.83 5.84 -2.52
CA LYS A 79 -13.15 5.49 -2.01
C LYS A 79 -14.05 6.72 -2.02
N ALA A 80 -13.52 7.85 -1.56
CA ALA A 80 -14.23 9.12 -1.68
C ALA A 80 -14.76 9.29 -3.09
N ALA A 81 -14.09 8.68 -4.06
CA ALA A 81 -14.57 8.75 -5.44
C ALA A 81 -15.63 7.68 -5.72
N ILE A 82 -15.47 6.48 -5.16
CA ILE A 82 -16.49 5.45 -5.30
C ILE A 82 -17.82 5.91 -4.69
N ASP A 83 -17.75 6.79 -3.68
CA ASP A 83 -18.92 7.27 -2.92
C ASP A 83 -19.98 7.99 -3.77
N VAL A 84 -19.53 8.78 -4.73
CA VAL A 84 -20.42 9.46 -5.66
C VAL A 84 -20.59 8.57 -6.90
N ILE A 85 -21.23 7.42 -6.72
CA ILE A 85 -21.51 6.49 -7.82
C ILE A 85 -22.62 5.50 -7.47
N LYS B 7 -17.85 0.13 -5.19
CA LYS B 7 -17.95 -0.79 -6.32
C LYS B 7 -16.54 -1.17 -6.80
N ALA B 8 -15.65 -1.44 -5.85
CA ALA B 8 -14.24 -1.78 -6.15
C ALA B 8 -14.02 -3.29 -5.97
N LYS B 9 -13.95 -4.02 -7.08
CA LYS B 9 -14.08 -5.48 -7.08
C LYS B 9 -13.02 -6.28 -6.34
N ARG B 10 -11.77 -6.25 -6.81
CA ARG B 10 -10.64 -6.81 -6.08
C ARG B 10 -9.47 -5.82 -6.06
N VAL B 11 -8.75 -5.75 -4.94
CA VAL B 11 -7.74 -4.72 -4.78
C VAL B 11 -6.45 -5.25 -4.16
N GLN B 12 -5.34 -5.01 -4.83
CA GLN B 12 -4.07 -5.65 -4.49
C GLN B 12 -2.87 -4.69 -4.47
N ALA B 13 -2.03 -4.82 -3.44
CA ALA B 13 -0.85 -3.99 -3.29
C ALA B 13 0.38 -4.84 -2.99
N LYS B 14 1.36 -4.83 -3.89
CA LYS B 14 2.63 -5.51 -3.65
C LYS B 14 3.64 -4.48 -3.16
N ILE B 15 4.30 -4.77 -2.06
CA ILE B 15 5.25 -3.83 -1.49
C ILE B 15 6.64 -4.46 -1.39
N GLU B 16 7.69 -3.64 -1.54
CA GLU B 16 9.07 -4.09 -1.40
C GLU B 16 9.92 -3.08 -0.60
N GLU B 18 13.85 -2.30 0.99
CA GLU B 18 15.28 -2.65 0.96
C GLU B 18 15.96 -2.10 2.20
N PHE B 19 16.84 -2.89 2.81
CA PHE B 19 17.34 -2.55 4.13
C PHE B 19 18.85 -2.47 4.23
N PRO B 20 19.33 -1.79 5.28
CA PRO B 20 20.75 -1.80 5.63
C PRO B 20 21.34 -3.22 5.48
N SER B 21 21.29 -4.07 6.51
CA SER B 21 21.91 -5.40 6.47
C SER B 21 20.93 -6.53 6.09
N GLU B 22 21.36 -7.49 5.26
CA GLU B 22 20.54 -8.66 4.93
C GLU B 22 20.20 -9.42 6.20
N ASP B 23 20.66 -8.87 7.32
CA ASP B 23 20.48 -9.48 8.62
C ASP B 23 19.84 -8.46 9.62
N VAL B 24 19.70 -7.21 9.17
CA VAL B 24 18.93 -6.19 9.92
C VAL B 24 17.47 -6.26 9.48
N ALA B 25 17.27 -6.69 8.24
CA ALA B 25 15.94 -6.96 7.71
C ALA B 25 15.40 -8.28 8.25
N LYS B 26 16.31 -9.22 8.55
CA LYS B 26 15.91 -10.50 9.10
C LYS B 26 15.27 -10.31 10.47
N VAL B 27 15.68 -9.25 11.17
CA VAL B 27 15.10 -8.95 12.48
C VAL B 27 13.68 -8.42 12.36
N VAL B 28 13.48 -7.52 11.40
CA VAL B 28 12.16 -6.92 11.16
C VAL B 28 11.16 -7.99 10.75
N TYR B 29 11.49 -8.73 9.70
CA TYR B 29 10.66 -9.86 9.29
C TYR B 29 10.15 -10.54 10.55
N GLU B 30 11.09 -11.07 11.33
CA GLU B 30 10.79 -11.85 12.53
C GLU B 30 9.84 -11.15 13.51
N ALA B 31 10.01 -9.85 13.68
CA ALA B 31 9.14 -9.13 14.60
C ALA B 31 7.75 -9.08 14.01
N VAL B 32 7.67 -8.51 12.81
CA VAL B 32 6.39 -8.32 12.14
C VAL B 32 5.69 -9.66 11.94
N LEU B 33 6.39 -10.57 11.29
CA LEU B 33 5.90 -11.92 11.10
C LEU B 33 5.28 -12.40 12.40
N TYR B 34 6.00 -12.24 13.50
CA TYR B 34 5.47 -12.60 14.81
C TYR B 34 4.16 -11.88 15.02
N GLU B 35 4.17 -10.57 14.82
CA GLU B 35 2.96 -9.78 15.03
C GLU B 35 1.86 -10.12 14.02
N HIS B 36 2.25 -10.46 12.80
CA HIS B 36 1.28 -10.86 11.81
C HIS B 36 0.70 -12.23 12.16
N LEU B 37 1.39 -12.94 13.04
CA LEU B 37 1.04 -14.32 13.34
C LEU B 37 0.64 -14.55 14.79
N SER B 38 0.85 -13.55 15.63
CA SER B 38 0.26 -13.58 16.96
C SER B 38 -1.13 -12.96 16.82
N VAL B 39 -1.69 -13.08 15.61
CA VAL B 39 -3.04 -12.61 15.32
C VAL B 39 -3.79 -13.48 14.29
N PRO B 40 -4.05 -14.77 14.63
CA PRO B 40 -4.90 -15.56 13.72
C PRO B 40 -6.25 -14.86 13.53
N TYR B 41 -7.04 -15.30 12.55
CA TYR B 41 -8.22 -14.54 12.13
C TYR B 41 -7.78 -13.26 11.41
N ARG B 42 -6.55 -13.25 10.91
CA ARG B 42 -6.00 -12.03 10.28
C ARG B 42 -6.57 -11.72 8.89
N ARG B 43 -7.24 -10.57 8.83
CA ARG B 43 -7.88 -10.10 7.60
C ARG B 43 -7.01 -8.98 7.03
N SER B 44 -6.98 -8.85 5.71
CA SER B 44 -7.64 -9.80 4.82
C SER B 44 -6.69 -10.90 4.34
N GLU B 45 -5.85 -10.59 3.35
CA GLU B 45 -4.88 -11.56 2.84
C GLU B 45 -3.47 -10.98 2.85
N ILE B 46 -2.55 -11.69 3.47
CA ILE B 46 -1.19 -11.18 3.63
C ILE B 46 -0.14 -12.26 3.35
N ASP B 47 0.71 -12.03 2.35
CA ASP B 47 1.81 -12.93 2.09
C ASP B 47 3.11 -12.26 2.46
N PHE B 48 3.64 -12.61 3.63
CA PHE B 48 4.85 -12.00 4.18
C PHE B 48 6.06 -12.89 3.86
N LYS B 49 6.97 -12.38 3.04
CA LYS B 49 8.17 -13.13 2.68
C LYS B 49 9.45 -12.30 2.67
N LEU B 50 10.31 -12.50 3.67
CA LEU B 50 11.65 -11.96 3.64
C LEU B 50 12.57 -12.77 2.74
N GLU B 51 13.11 -12.09 1.74
CA GLU B 51 14.04 -12.71 0.82
C GLU B 51 15.10 -11.67 0.46
N GLY B 52 16.22 -11.73 1.17
CA GLY B 52 17.37 -10.89 0.88
C GLY B 52 17.53 -9.71 1.82
N LYS B 53 17.75 -8.54 1.22
CA LYS B 53 17.76 -7.29 1.95
C LYS B 53 16.39 -6.66 1.76
N LYS B 54 15.67 -7.19 0.77
CA LYS B 54 14.31 -6.77 0.42
C LYS B 54 13.27 -7.55 1.23
N ILE B 55 12.17 -6.89 1.60
CA ILE B 55 10.97 -7.57 2.12
C ILE B 55 9.84 -7.36 1.13
N ILE B 56 9.07 -8.41 0.88
CA ILE B 56 7.95 -8.32 -0.05
C ILE B 56 6.61 -8.62 0.63
N LEU B 57 5.84 -7.59 0.91
CA LEU B 57 4.52 -7.73 1.52
C LEU B 57 3.42 -7.75 0.47
N ASP B 58 2.91 -8.95 0.18
CA ASP B 58 1.80 -9.11 -0.75
C ASP B 58 0.48 -8.93 0.02
N ILE B 59 -0.45 -8.19 -0.57
CA ILE B 59 -1.73 -7.88 0.08
C ILE B 59 -2.88 -7.99 -0.90
N LYS B 60 -3.79 -8.93 -0.69
CA LYS B 60 -4.99 -9.04 -1.51
C LYS B 60 -6.19 -8.76 -0.61
N ALA B 61 -7.06 -7.86 -1.05
CA ALA B 61 -8.16 -7.41 -0.21
C ALA B 61 -9.48 -7.36 -0.95
N THR B 62 -10.56 -7.28 -0.19
CA THR B 62 -11.91 -7.22 -0.73
C THR B 62 -12.20 -5.86 -1.36
N ASP B 63 -11.72 -4.79 -0.73
CA ASP B 63 -11.83 -3.46 -1.33
C ASP B 63 -10.76 -2.47 -0.88
N SER B 64 -10.75 -1.32 -1.53
CA SER B 64 -9.79 -0.28 -1.27
C SER B 64 -9.59 -0.18 0.22
N SER B 65 -10.72 -0.12 0.92
CA SER B 65 -10.73 0.05 2.37
C SER B 65 -10.07 -1.12 3.08
N ALA B 66 -10.47 -2.33 2.68
CA ALA B 66 -9.83 -3.53 3.18
C ALA B 66 -8.35 -3.37 2.97
N LEU B 67 -7.99 -3.13 1.71
CA LEU B 67 -6.61 -2.90 1.34
C LEU B 67 -5.97 -1.85 2.26
N ARG B 68 -6.73 -0.82 2.60
CA ARG B 68 -6.18 0.35 3.29
C ARG B 68 -5.70 0.08 4.72
N GLY B 69 -6.58 -0.50 5.54
CA GLY B 69 -6.28 -0.67 6.95
C GLY B 69 -5.41 -1.88 7.23
N THR B 70 -5.34 -2.79 6.25
CA THR B 70 -4.45 -3.96 6.31
C THR B 70 -3.06 -3.54 5.85
N VAL B 71 -2.83 -2.23 5.76
CA VAL B 71 -1.50 -1.69 5.58
C VAL B 71 -1.08 -0.93 6.84
N ASN B 72 -1.89 0.05 7.22
CA ASN B 72 -1.59 0.85 8.41
C ASN B 72 -1.09 -0.01 9.55
N SER B 73 -1.95 -0.87 10.08
CA SER B 73 -1.54 -1.66 11.24
C SER B 73 -0.29 -2.48 10.92
N TYR B 74 -0.11 -2.86 9.65
CA TYR B 74 1.06 -3.64 9.25
C TYR B 74 2.30 -2.78 8.91
N LEU B 75 2.09 -1.63 8.29
CA LEU B 75 3.21 -0.69 8.13
C LEU B 75 3.65 -0.13 9.49
N ARG B 76 2.69 0.08 10.38
CA ARG B 76 2.97 0.59 11.70
C ARG B 76 3.54 -0.50 12.60
N TRP B 77 3.50 -1.75 12.14
CA TRP B 77 4.21 -2.83 12.84
C TRP B 77 5.64 -2.85 12.36
N ILE B 78 5.83 -2.70 11.05
CA ILE B 78 7.17 -2.66 10.50
C ILE B 78 7.93 -1.53 11.16
N LYS B 79 7.36 -0.33 11.09
CA LYS B 79 7.97 0.87 11.66
C LYS B 79 8.17 0.74 13.17
N ALA B 80 7.58 -0.30 13.76
CA ALA B 80 7.73 -0.58 15.18
C ALA B 80 8.98 -1.42 15.37
N ALA B 81 9.07 -2.49 14.59
CA ALA B 81 10.26 -3.31 14.54
C ALA B 81 11.50 -2.44 14.34
N ILE B 82 11.42 -1.50 13.40
CA ILE B 82 12.52 -0.57 13.12
C ILE B 82 13.08 0.12 14.39
N ASP B 83 12.20 0.49 15.31
CA ASP B 83 12.61 1.27 16.49
C ASP B 83 13.13 0.46 17.70
N VAL B 84 13.24 -0.85 17.54
CA VAL B 84 13.91 -1.71 18.51
C VAL B 84 15.23 -2.24 17.91
N ILE B 85 16.12 -1.33 17.54
CA ILE B 85 17.37 -1.72 16.87
C ILE B 85 18.55 -0.82 17.27
#